data_3WWT
#
_entry.id   3WWT
#
_cell.length_a   72.270
_cell.length_b   72.270
_cell.length_c   197.150
_cell.angle_alpha   90.000
_cell.angle_beta   90.000
_cell.angle_gamma   120.000
#
_symmetry.space_group_name_H-M   'P 65 2 2'
#
loop_
_entity.id
_entity.type
_entity.pdbx_description
1 polymer 'Signal transducer and activator of transcription 1-alpha/beta'
2 polymer "C' protein"
3 non-polymer 'CALCIUM ION'
4 water water
#
loop_
_entity_poly.entity_id
_entity_poly.type
_entity_poly.pdbx_seq_one_letter_code
_entity_poly.pdbx_strand_id
1 'polypeptide(L)'
;MNHKVHHHHHHHHMSQWYELQQLDSKFLEQVHQLYDDSFPMEIRQYLAQWLEKQDWEHAANDVSFATIRFHDLLSQLDDQ
YSRFSLENNFLLQHNIRKSKRNLQDNFQEDPIQMSMIIYSCLKEERKILENAQRFNQAQ
;
A
2 'polypeptide(L)'
;MNHKVHHHHHHHHMLETLINKIYTGPLGEELVQTLYLRIWAMEETPESLKILQMREDIRDQVLKMKTERWLRTLIRGEKT
KLKDFQKRYEEVHPYLMKEKVEQVIMEEAWSLAAHIVQE
;
B
#
# COMPACT_ATOMS: atom_id res chain seq x y z
N MET A 14 -15.43 11.50 14.03
CA MET A 14 -14.59 12.60 14.45
C MET A 14 -13.45 12.87 13.46
N SER A 15 -13.35 12.06 12.41
CA SER A 15 -12.23 12.23 11.49
C SER A 15 -12.36 13.53 10.72
N GLN A 16 -11.23 14.08 10.30
CA GLN A 16 -11.26 15.26 9.44
C GLN A 16 -12.00 14.96 8.14
N TRP A 17 -11.80 13.76 7.59
CA TRP A 17 -12.51 13.37 6.36
C TRP A 17 -14.03 13.41 6.58
N TYR A 18 -14.50 12.85 7.69
CA TYR A 18 -15.94 12.89 7.99
C TYR A 18 -16.44 14.34 8.08
N GLU A 19 -15.70 15.20 8.78
CA GLU A 19 -16.16 16.58 8.95
C GLU A 19 -16.24 17.31 7.61
N LEU A 20 -15.26 17.06 6.73
CA LEU A 20 -15.30 17.70 5.41
C LEU A 20 -16.59 17.35 4.66
N GLN A 21 -17.03 16.10 4.75
CA GLN A 21 -18.21 15.68 4.00
C GLN A 21 -19.49 16.33 4.48
N GLN A 22 -19.51 16.94 5.67
CA GLN A 22 -20.70 17.61 6.17
C GLN A 22 -20.81 19.05 5.68
N LEU A 23 -19.82 19.54 4.94
CA LEU A 23 -19.85 20.92 4.50
C LEU A 23 -20.88 21.11 3.37
N ASP A 24 -21.17 22.37 3.07
CA ASP A 24 -22.08 22.70 2.00
C ASP A 24 -21.40 22.55 0.64
N SER A 25 -22.23 22.30 -0.38
CA SER A 25 -21.75 21.97 -1.71
C SER A 25 -20.66 22.94 -2.19
N LYS A 26 -20.77 24.22 -1.84
CA LYS A 26 -19.74 25.19 -2.22
C LYS A 26 -18.36 24.76 -1.76
N PHE A 27 -18.27 24.19 -0.56
CA PHE A 27 -16.97 23.76 -0.04
C PHE A 27 -16.60 22.35 -0.46
N LEU A 28 -17.59 21.47 -0.65
CA LEU A 28 -17.29 20.15 -1.24
C LEU A 28 -16.67 20.31 -2.62
N GLU A 29 -17.11 21.30 -3.39
CA GLU A 29 -16.49 21.55 -4.69
C GLU A 29 -15.01 21.86 -4.54
N GLN A 30 -14.64 22.58 -3.48
CA GLN A 30 -13.23 22.85 -3.21
C GLN A 30 -12.46 21.57 -2.91
N VAL A 31 -13.09 20.64 -2.20
CA VAL A 31 -12.43 19.36 -1.91
C VAL A 31 -12.25 18.56 -3.19
N HIS A 32 -13.26 18.56 -4.07
CA HIS A 32 -13.10 17.94 -5.39
C HIS A 32 -11.85 18.45 -6.10
N GLN A 33 -11.71 19.78 -6.18
CA GLN A 33 -10.60 20.36 -6.92
C GLN A 33 -9.28 19.99 -6.27
N LEU A 34 -9.27 19.90 -4.95
CA LEU A 34 -8.06 19.51 -4.24
C LEU A 34 -7.61 18.12 -4.67
N TYR A 35 -8.57 17.21 -4.86
CA TYR A 35 -8.26 15.83 -5.24
C TYR A 35 -8.41 15.59 -6.74
N ASP A 36 -7.94 16.54 -7.55
CA ASP A 36 -7.85 16.38 -9.01
C ASP A 36 -6.39 16.09 -9.33
N ASP A 37 -6.06 14.79 -9.45
CA ASP A 37 -4.71 14.36 -9.83
C ASP A 37 -3.65 14.82 -8.83
N SER A 38 -3.93 14.63 -7.53
CA SER A 38 -2.90 14.89 -6.52
C SER A 38 -2.58 13.59 -5.79
N PHE A 39 -3.47 13.19 -4.89
CA PHE A 39 -3.46 11.90 -4.21
C PHE A 39 -4.84 11.29 -4.38
N PRO A 40 -4.94 9.96 -4.57
CA PRO A 40 -6.25 9.38 -4.91
C PRO A 40 -7.26 9.51 -3.76
N MET A 41 -8.43 10.08 -4.07
CA MET A 41 -9.40 10.30 -2.99
C MET A 41 -9.90 8.99 -2.40
N GLU A 42 -9.96 7.92 -3.19
CA GLU A 42 -10.35 6.60 -2.68
C GLU A 42 -9.48 6.21 -1.49
N ILE A 43 -8.17 6.40 -1.62
CA ILE A 43 -7.26 6.03 -0.54
C ILE A 43 -7.42 6.98 0.63
N ARG A 44 -7.58 8.28 0.34
CA ARG A 44 -7.84 9.27 1.37
C ARG A 44 -9.02 8.86 2.24
N GLN A 45 -10.05 8.28 1.62
CA GLN A 45 -11.21 7.90 2.40
C GLN A 45 -11.00 6.57 3.10
N TYR A 46 -10.56 5.55 2.36
CA TYR A 46 -10.48 4.20 2.92
C TYR A 46 -9.48 4.13 4.07
N LEU A 47 -8.43 4.95 4.04
CA LEU A 47 -7.43 5.00 5.10
C LEU A 47 -7.49 6.29 5.91
N ALA A 48 -8.67 6.92 5.98
CA ALA A 48 -8.78 8.23 6.62
C ALA A 48 -8.19 8.23 8.02
N GLN A 49 -8.63 7.29 8.88
CA GLN A 49 -8.15 7.25 10.25
C GLN A 49 -6.64 7.09 10.34
N TRP A 50 -6.09 6.12 9.59
CA TRP A 50 -4.64 5.89 9.60
C TRP A 50 -3.88 7.10 9.05
N LEU A 51 -4.31 7.64 7.90
CA LEU A 51 -3.62 8.77 7.30
C LEU A 51 -3.60 9.97 8.22
N GLU A 52 -4.71 10.23 8.91
CA GLU A 52 -4.79 11.42 9.75
C GLU A 52 -3.94 11.28 11.01
N LYS A 53 -3.43 10.08 11.32
CA LYS A 53 -2.58 9.84 12.48
C LYS A 53 -1.10 10.13 12.21
N GLN A 54 -0.64 9.92 10.97
CA GLN A 54 0.79 9.89 10.68
C GLN A 54 1.38 11.29 10.66
N ASP A 55 2.68 11.39 10.96
CA ASP A 55 3.37 12.67 10.91
C ASP A 55 3.92 12.84 9.50
N TRP A 56 3.03 13.23 8.58
CA TRP A 56 3.44 13.43 7.20
C TRP A 56 4.39 14.62 7.09
N GLU A 57 4.24 15.64 7.94
CA GLU A 57 5.19 16.74 7.91
C GLU A 57 6.62 16.26 8.15
N HIS A 58 6.81 15.40 9.14
CA HIS A 58 8.15 14.87 9.33
C HIS A 58 8.58 14.01 8.16
N ALA A 59 7.68 13.15 7.67
CA ALA A 59 8.01 12.31 6.53
C ALA A 59 8.38 13.14 5.31
N ALA A 60 7.70 14.28 5.11
CA ALA A 60 8.00 15.13 3.97
C ALA A 60 9.40 15.73 4.05
N ASN A 61 10.08 15.58 5.20
CA ASN A 61 11.40 16.15 5.40
C ASN A 61 12.44 15.09 5.76
N ASP A 62 12.14 13.80 5.53
CA ASP A 62 13.04 12.73 5.95
C ASP A 62 12.80 11.51 5.07
N VAL A 63 13.76 11.22 4.19
CA VAL A 63 13.56 10.19 3.18
C VAL A 63 13.38 8.83 3.82
N SER A 64 14.17 8.53 4.86
CA SER A 64 14.09 7.18 5.41
C SER A 64 12.73 6.95 6.07
N PHE A 65 12.25 7.95 6.82
CA PHE A 65 10.92 7.86 7.44
C PHE A 65 9.81 7.81 6.40
N ALA A 66 9.91 8.65 5.36
CA ALA A 66 8.95 8.62 4.27
C ALA A 66 8.91 7.27 3.58
N THR A 67 10.05 6.59 3.49
CA THR A 67 10.09 5.28 2.85
C THR A 67 9.33 4.24 3.67
N ILE A 68 9.46 4.30 5.00
CA ILE A 68 8.72 3.41 5.89
C ILE A 68 7.22 3.69 5.77
N ARG A 69 6.84 4.97 5.78
CA ARG A 69 5.43 5.33 5.70
C ARG A 69 4.82 4.94 4.36
N PHE A 70 5.61 4.98 3.28
CA PHE A 70 5.13 4.55 1.97
C PHE A 70 4.76 3.07 1.99
N HIS A 71 5.66 2.24 2.53
CA HIS A 71 5.38 0.82 2.62
C HIS A 71 4.36 0.49 3.71
N ASP A 72 4.31 1.28 4.78
CA ASP A 72 3.20 1.16 5.72
C ASP A 72 1.87 1.36 5.01
N LEU A 73 1.80 2.35 4.13
CA LEU A 73 0.53 2.65 3.46
C LEU A 73 0.10 1.48 2.59
N LEU A 74 1.02 0.89 1.84
CA LEU A 74 0.67 -0.27 1.02
C LEU A 74 0.15 -1.43 1.88
N SER A 75 0.76 -1.65 3.04
CA SER A 75 0.27 -2.71 3.91
C SER A 75 -1.08 -2.36 4.53
N GLN A 76 -1.33 -1.08 4.83
CA GLN A 76 -2.67 -0.70 5.28
C GLN A 76 -3.72 -0.96 4.20
N LEU A 77 -3.34 -0.82 2.92
CA LEU A 77 -4.29 -1.14 1.85
C LEU A 77 -4.58 -2.64 1.79
N ASP A 78 -3.60 -3.49 2.15
CA ASP A 78 -3.88 -4.92 2.29
C ASP A 78 -4.91 -5.18 3.39
N ASP A 79 -4.80 -4.46 4.51
CA ASP A 79 -5.78 -4.61 5.59
C ASP A 79 -7.16 -4.17 5.13
N GLN A 80 -7.24 -3.08 4.38
CA GLN A 80 -8.51 -2.64 3.81
C GLN A 80 -9.07 -3.70 2.87
N TYR A 81 -8.22 -4.23 2.00
CA TYR A 81 -8.64 -5.28 1.09
C TYR A 81 -9.28 -6.45 1.83
N SER A 82 -8.67 -6.90 2.93
CA SER A 82 -9.24 -8.05 3.63
C SER A 82 -10.60 -7.73 4.23
N ARG A 83 -10.84 -6.47 4.64
CA ARG A 83 -12.17 -6.09 5.11
C ARG A 83 -13.19 -6.11 3.97
N PHE A 84 -12.87 -5.47 2.83
CA PHE A 84 -13.79 -5.49 1.69
C PHE A 84 -14.05 -6.90 1.19
N SER A 85 -13.03 -7.77 1.24
CA SER A 85 -13.21 -9.17 0.87
C SER A 85 -14.22 -9.87 1.77
N LEU A 86 -14.11 -9.64 3.08
CA LEU A 86 -15.08 -10.20 4.02
C LEU A 86 -16.48 -9.72 3.71
N GLU A 87 -16.62 -8.48 3.24
CA GLU A 87 -17.89 -7.87 2.84
C GLU A 87 -18.33 -8.28 1.44
N ASN A 88 -17.58 -9.17 0.78
CA ASN A 88 -17.89 -9.65 -0.59
C ASN A 88 -18.00 -8.50 -1.59
N ASN A 89 -17.12 -7.51 -1.47
CA ASN A 89 -17.19 -6.31 -2.30
C ASN A 89 -16.13 -6.39 -3.38
N PHE A 90 -16.50 -7.02 -4.51
CA PHE A 90 -15.54 -7.36 -5.55
C PHE A 90 -14.94 -6.11 -6.20
N LEU A 91 -15.75 -5.08 -6.44
CA LEU A 91 -15.22 -3.85 -7.05
C LEU A 91 -14.18 -3.17 -6.15
N LEU A 92 -14.46 -3.05 -4.86
CA LEU A 92 -13.49 -2.37 -4.03
C LEU A 92 -12.24 -3.22 -3.80
N GLN A 93 -12.39 -4.56 -3.83
CA GLN A 93 -11.23 -5.42 -3.89
C GLN A 93 -10.39 -5.09 -5.09
N HIS A 94 -11.05 -4.96 -6.26
CA HIS A 94 -10.33 -4.61 -7.47
C HIS A 94 -9.72 -3.21 -7.37
N ASN A 95 -10.47 -2.25 -6.82
CA ASN A 95 -9.97 -0.89 -6.73
C ASN A 95 -8.77 -0.79 -5.78
N ILE A 96 -8.81 -1.50 -4.65
CA ILE A 96 -7.66 -1.49 -3.74
C ILE A 96 -6.42 -1.97 -4.48
N ARG A 97 -6.55 -3.04 -5.26
CA ARG A 97 -5.39 -3.58 -5.95
C ARG A 97 -4.86 -2.61 -6.99
N LYS A 98 -5.76 -1.98 -7.75
CA LYS A 98 -5.36 -0.92 -8.68
C LYS A 98 -4.69 0.23 -7.94
N SER A 99 -5.27 0.66 -6.82
CA SER A 99 -4.68 1.75 -6.02
C SER A 99 -3.24 1.44 -5.64
N LYS A 100 -2.98 0.23 -5.14
CA LYS A 100 -1.62 -0.15 -4.72
C LYS A 100 -0.67 -0.07 -5.89
N ARG A 101 -1.03 -0.68 -7.02
CA ARG A 101 -0.19 -0.65 -8.21
C ARG A 101 0.14 0.78 -8.62
N ASN A 102 -0.87 1.65 -8.67
CA ASN A 102 -0.63 3.01 -9.12
C ASN A 102 0.30 3.76 -8.18
N LEU A 103 0.09 3.61 -6.86
CA LEU A 103 0.97 4.27 -5.89
C LEU A 103 2.41 3.83 -6.08
N GLN A 104 2.63 2.52 -6.28
CA GLN A 104 3.98 2.03 -6.48
C GLN A 104 4.59 2.55 -7.76
N ASP A 105 3.85 2.49 -8.86
CA ASP A 105 4.29 3.13 -10.10
C ASP A 105 4.64 4.60 -9.88
N ASN A 106 3.76 5.34 -9.22
CA ASN A 106 3.88 6.80 -9.18
C ASN A 106 4.89 7.30 -8.15
N PHE A 107 5.10 6.57 -7.05
CA PHE A 107 5.85 7.14 -5.94
C PHE A 107 7.04 6.33 -5.47
N GLN A 108 7.22 5.09 -5.92
CA GLN A 108 8.28 4.30 -5.29
C GLN A 108 9.68 4.79 -5.63
N GLU A 109 9.86 5.49 -6.76
CA GLU A 109 11.19 5.99 -7.07
C GLU A 109 11.60 7.11 -6.12
N ASP A 110 10.65 7.91 -5.65
CA ASP A 110 10.95 9.05 -4.77
C ASP A 110 9.84 9.16 -3.74
N PRO A 111 9.77 8.19 -2.82
CA PRO A 111 8.62 8.13 -1.90
C PRO A 111 8.43 9.37 -1.04
N ILE A 112 9.47 10.19 -0.82
CA ILE A 112 9.29 11.39 0.00
C ILE A 112 8.24 12.30 -0.63
N GLN A 113 8.09 12.25 -1.95
CA GLN A 113 7.13 13.14 -2.60
C GLN A 113 5.70 12.76 -2.28
N MET A 114 5.43 11.47 -2.05
CA MET A 114 4.10 11.11 -1.58
C MET A 114 3.78 11.75 -0.24
N SER A 115 4.73 11.78 0.68
CA SER A 115 4.47 12.40 1.98
C SER A 115 4.26 13.90 1.85
N MET A 116 5.02 14.56 0.98
CA MET A 116 4.82 15.99 0.76
C MET A 116 3.39 16.27 0.29
N ILE A 117 2.91 15.44 -0.64
CA ILE A 117 1.57 15.63 -1.19
C ILE A 117 0.52 15.35 -0.13
N ILE A 118 0.66 14.25 0.62
CA ILE A 118 -0.33 13.91 1.64
C ILE A 118 -0.41 15.02 2.68
N TYR A 119 0.75 15.45 3.20
CA TYR A 119 0.72 16.53 4.18
C TYR A 119 0.03 17.75 3.61
N SER A 120 0.36 18.09 2.35
CA SER A 120 -0.21 19.29 1.74
C SER A 120 -1.72 19.18 1.60
N CYS A 121 -2.22 18.01 1.16
CA CYS A 121 -3.66 17.83 1.06
C CYS A 121 -4.34 18.00 2.41
N LEU A 122 -3.80 17.37 3.46
CA LEU A 122 -4.41 17.50 4.77
C LEU A 122 -4.39 18.96 5.24
N LYS A 123 -3.32 19.70 4.90
CA LYS A 123 -3.26 21.12 5.18
C LYS A 123 -4.36 21.89 4.45
N GLU A 124 -4.48 21.66 3.13
CA GLU A 124 -5.52 22.36 2.37
C GLU A 124 -6.91 22.02 2.88
N GLU A 125 -7.12 20.78 3.32
CA GLU A 125 -8.43 20.42 3.88
C GLU A 125 -8.76 21.30 5.08
N ARG A 126 -7.77 21.51 5.96
CA ARG A 126 -8.00 22.35 7.13
C ARG A 126 -8.33 23.78 6.72
N LYS A 127 -7.62 24.30 5.70
CA LYS A 127 -7.92 25.64 5.21
C LYS A 127 -9.34 25.73 4.65
N ILE A 128 -9.80 24.68 3.96
CA ILE A 128 -11.17 24.66 3.47
C ILE A 128 -12.14 24.65 4.65
N LEU A 129 -11.85 23.82 5.66
CA LEU A 129 -12.67 23.82 6.86
C LEU A 129 -12.68 25.21 7.50
N GLU A 130 -11.51 25.87 7.51
CA GLU A 130 -11.43 27.24 8.04
C GLU A 130 -12.42 28.17 7.35
N ASN A 131 -12.40 28.20 6.01
CA ASN A 131 -13.39 28.94 5.25
C ASN A 131 -14.81 28.61 5.73
N ALA A 132 -15.14 27.33 5.84
CA ALA A 132 -16.52 26.92 6.11
C ALA A 132 -17.00 27.43 7.47
N GLN A 133 -16.15 27.39 8.50
CA GLN A 133 -16.57 27.88 9.81
C GLN A 133 -16.60 29.40 9.87
N ARG A 134 -15.70 30.06 9.14
CA ARG A 134 -15.71 31.52 9.07
C ARG A 134 -16.85 32.04 8.21
N PHE A 135 -17.19 31.30 7.15
CA PHE A 135 -18.30 31.69 6.28
C PHE A 135 -19.65 31.42 6.92
N ASN A 136 -19.71 30.47 7.86
CA ASN A 136 -20.95 30.10 8.52
C ASN A 136 -21.48 31.16 9.48
N GLN A 137 -20.70 32.21 9.77
CA GLN A 137 -21.11 33.20 10.74
C GLN A 137 -21.35 34.57 10.10
N HIS B 12 8.01 -4.27 -18.00
CA HIS B 12 8.60 -5.61 -17.87
C HIS B 12 7.58 -6.70 -18.19
N HIS B 13 7.83 -7.43 -19.29
CA HIS B 13 6.87 -8.42 -19.76
C HIS B 13 6.75 -9.58 -18.78
N MET B 14 7.88 -10.22 -18.47
CA MET B 14 7.84 -11.43 -17.65
C MET B 14 7.37 -11.15 -16.22
N LEU B 15 7.59 -9.94 -15.72
CA LEU B 15 6.99 -9.57 -14.44
C LEU B 15 5.47 -9.68 -14.52
N GLU B 16 4.88 -9.07 -15.56
CA GLU B 16 3.43 -9.13 -15.72
C GLU B 16 2.93 -10.57 -15.82
N THR B 17 3.65 -11.42 -16.55
CA THR B 17 3.19 -12.80 -16.67
C THR B 17 3.44 -13.57 -15.38
N LEU B 18 4.55 -13.28 -14.69
CA LEU B 18 4.77 -13.87 -13.38
C LEU B 18 3.62 -13.53 -12.44
N ILE B 19 3.23 -12.25 -12.40
CA ILE B 19 2.14 -11.84 -11.51
C ILE B 19 0.84 -12.50 -11.92
N ASN B 20 0.56 -12.56 -13.23
CA ASN B 20 -0.65 -13.25 -13.67
C ASN B 20 -0.63 -14.73 -13.28
N LYS B 21 0.54 -15.37 -13.40
CA LYS B 21 0.70 -16.74 -12.91
C LYS B 21 0.43 -16.84 -11.42
N ILE B 22 0.90 -15.86 -10.64
CA ILE B 22 0.67 -15.87 -9.20
C ILE B 22 -0.83 -15.83 -8.90
N TYR B 23 -1.59 -15.00 -9.63
CA TYR B 23 -2.99 -14.85 -9.28
C TYR B 23 -3.86 -15.98 -9.84
N THR B 24 -3.54 -16.49 -11.04
CA THR B 24 -4.41 -17.47 -11.68
C THR B 24 -3.77 -18.85 -11.90
N GLY B 25 -2.46 -19.00 -11.76
CA GLY B 25 -1.81 -20.24 -12.11
C GLY B 25 -1.43 -21.11 -10.92
N PRO B 26 -0.99 -22.34 -11.21
CA PRO B 26 -0.51 -23.21 -10.13
C PRO B 26 0.67 -22.65 -9.38
N LEU B 27 1.47 -21.80 -10.03
CA LEU B 27 2.58 -21.15 -9.35
C LEU B 27 2.10 -20.40 -8.12
N GLY B 28 0.92 -19.79 -8.20
CA GLY B 28 0.42 -19.03 -7.08
C GLY B 28 -0.14 -19.91 -5.97
N GLU B 29 -0.76 -21.04 -6.34
CA GLU B 29 -1.18 -22.00 -5.33
C GLU B 29 0.01 -22.53 -4.53
N GLU B 30 1.12 -22.80 -5.21
CA GLU B 30 2.32 -23.25 -4.52
C GLU B 30 2.88 -22.16 -3.62
N LEU B 31 2.92 -20.93 -4.13
CA LEU B 31 3.37 -19.79 -3.35
C LEU B 31 2.60 -19.64 -2.05
N VAL B 32 1.26 -19.64 -2.12
CA VAL B 32 0.47 -19.32 -0.93
C VAL B 32 0.49 -20.46 0.08
N GLN B 33 0.69 -21.70 -0.37
CA GLN B 33 0.84 -22.80 0.58
C GLN B 33 2.18 -22.71 1.30
N THR B 34 3.26 -22.44 0.57
CA THR B 34 4.55 -22.16 1.18
C THR B 34 4.45 -21.02 2.21
N LEU B 35 3.82 -19.90 1.81
CA LEU B 35 3.76 -18.74 2.71
C LEU B 35 2.97 -19.05 3.97
N TYR B 36 1.84 -19.74 3.82
CA TYR B 36 1.04 -20.08 4.99
C TYR B 36 1.83 -20.89 6.00
N LEU B 37 2.58 -21.89 5.53
CA LEU B 37 3.36 -22.73 6.44
C LEU B 37 4.52 -21.94 7.05
N ARG B 38 5.20 -21.11 6.27
CA ARG B 38 6.28 -20.29 6.82
C ARG B 38 5.75 -19.31 7.85
N ILE B 39 4.55 -18.76 7.64
CA ILE B 39 4.00 -17.80 8.59
C ILE B 39 3.46 -18.52 9.82
N TRP B 40 2.99 -19.76 9.67
CA TRP B 40 2.67 -20.58 10.83
C TRP B 40 3.93 -20.87 11.66
N ALA B 41 5.03 -21.19 10.99
CA ALA B 41 6.25 -21.66 11.64
C ALA B 41 7.05 -20.53 12.29
N MET B 42 6.82 -19.28 11.89
CA MET B 42 7.62 -18.18 12.43
C MET B 42 7.18 -17.86 13.84
N GLU B 43 8.12 -17.31 14.63
CA GLU B 43 7.78 -16.82 15.95
C GLU B 43 6.66 -15.79 15.81
N GLU B 44 5.62 -15.93 16.62
CA GLU B 44 4.35 -15.27 16.34
C GLU B 44 4.45 -13.77 16.57
N THR B 45 3.80 -13.01 15.71
CA THR B 45 3.63 -11.58 15.89
C THR B 45 2.14 -11.29 15.76
N PRO B 46 1.69 -10.11 16.20
CA PRO B 46 0.28 -9.76 15.95
C PRO B 46 -0.11 -9.91 14.48
N GLU B 47 0.80 -9.53 13.57
CA GLU B 47 0.52 -9.60 12.14
C GLU B 47 0.46 -11.04 11.63
N SER B 48 1.35 -11.92 12.12
CA SER B 48 1.28 -13.32 11.69
C SER B 48 -0.01 -13.96 12.19
N LEU B 49 -0.45 -13.62 13.41
CA LEU B 49 -1.69 -14.16 13.94
C LEU B 49 -2.91 -13.72 13.12
N LYS B 50 -2.98 -12.45 12.73
CA LYS B 50 -4.14 -12.02 11.96
C LYS B 50 -4.16 -12.68 10.58
N ILE B 51 -2.99 -12.93 9.98
CA ILE B 51 -2.96 -13.66 8.73
C ILE B 51 -3.38 -15.12 8.96
N LEU B 52 -2.91 -15.72 10.05
CA LEU B 52 -3.29 -17.10 10.30
C LEU B 52 -4.77 -17.24 10.61
N GLN B 53 -5.42 -16.16 11.04
CA GLN B 53 -6.82 -16.21 11.40
C GLN B 53 -7.75 -15.83 10.24
N MET B 54 -7.19 -15.42 9.10
CA MET B 54 -8.02 -15.01 7.98
C MET B 54 -8.73 -16.19 7.36
N ARG B 55 -9.94 -15.94 6.87
CA ARG B 55 -10.59 -16.93 6.01
C ARG B 55 -9.66 -17.29 4.88
N GLU B 56 -9.71 -18.56 4.46
CA GLU B 56 -8.65 -19.11 3.63
C GLU B 56 -8.56 -18.43 2.28
N ASP B 57 -9.70 -18.13 1.66
CA ASP B 57 -9.64 -17.50 0.34
C ASP B 57 -9.12 -16.07 0.44
N ILE B 58 -9.48 -15.36 1.51
CA ILE B 58 -8.98 -14.00 1.68
C ILE B 58 -7.49 -14.03 1.98
N ARG B 59 -7.06 -14.96 2.85
CA ARG B 59 -5.63 -15.09 3.12
C ARG B 59 -4.85 -15.33 1.83
N ASP B 60 -5.35 -16.20 0.96
CA ASP B 60 -4.68 -16.47 -0.30
C ASP B 60 -4.50 -15.19 -1.11
N GLN B 61 -5.58 -14.40 -1.23
CA GLN B 61 -5.52 -13.15 -2.00
C GLN B 61 -4.49 -12.18 -1.41
N VAL B 62 -4.55 -11.96 -0.10
CA VAL B 62 -3.63 -11.01 0.55
C VAL B 62 -2.18 -11.45 0.35
N LEU B 63 -1.90 -12.76 0.51
CA LEU B 63 -0.53 -13.24 0.35
C LEU B 63 -0.03 -13.03 -1.07
N LYS B 64 -0.89 -13.26 -2.06
CA LYS B 64 -0.50 -12.95 -3.44
C LYS B 64 -0.25 -11.46 -3.61
N MET B 65 -1.11 -10.62 -3.04
CA MET B 65 -0.91 -9.18 -3.15
C MET B 65 0.36 -8.75 -2.45
N LYS B 66 0.62 -9.32 -1.26
CA LYS B 66 1.83 -8.97 -0.54
C LYS B 66 3.08 -9.41 -1.29
N THR B 67 3.02 -10.56 -1.96
CA THR B 67 4.14 -10.96 -2.79
C THR B 67 4.32 -10.01 -3.98
N GLU B 68 3.22 -9.60 -4.62
CA GLU B 68 3.32 -8.69 -5.75
C GLU B 68 3.98 -7.37 -5.34
N ARG B 69 3.64 -6.87 -4.15
CA ARG B 69 4.24 -5.62 -3.67
C ARG B 69 5.76 -5.70 -3.65
N TRP B 70 6.32 -6.84 -3.24
CA TRP B 70 7.77 -6.96 -3.19
C TRP B 70 8.37 -7.24 -4.56
N LEU B 71 7.68 -7.99 -5.42
CA LEU B 71 8.14 -8.16 -6.79
C LEU B 71 8.28 -6.82 -7.50
N ARG B 72 7.26 -5.96 -7.39
CA ARG B 72 7.32 -4.61 -7.97
C ARG B 72 8.31 -3.72 -7.24
N THR B 73 8.71 -4.08 -6.03
CA THR B 73 9.80 -3.36 -5.38
C THR B 73 11.15 -3.76 -5.97
N LEU B 74 11.34 -5.05 -6.24
CA LEU B 74 12.63 -5.54 -6.76
C LEU B 74 12.76 -5.29 -8.26
N ILE B 75 11.66 -5.39 -8.99
CA ILE B 75 11.65 -5.22 -10.43
C ILE B 75 10.79 -4.01 -10.72
N ARG B 76 11.41 -2.91 -11.11
CA ARG B 76 10.69 -1.73 -11.56
C ARG B 76 11.34 -1.27 -12.86
N GLY B 77 10.61 -1.41 -13.95
CA GLY B 77 11.14 -1.21 -15.29
C GLY B 77 11.63 -2.51 -15.91
N GLU B 78 11.54 -2.57 -17.24
CA GLU B 78 12.12 -3.65 -18.02
C GLU B 78 13.65 -3.61 -18.00
N LYS B 79 14.23 -2.49 -17.58
CA LYS B 79 15.68 -2.30 -17.52
C LYS B 79 16.33 -3.07 -16.37
N THR B 80 15.55 -3.59 -15.42
CA THR B 80 16.09 -4.11 -14.18
C THR B 80 17.04 -5.28 -14.42
N LYS B 81 18.17 -5.27 -13.71
CA LYS B 81 19.13 -6.36 -13.69
C LYS B 81 19.32 -6.83 -12.25
N LEU B 82 19.69 -8.11 -12.08
CA LEU B 82 19.80 -8.67 -10.74
C LEU B 82 20.79 -7.88 -9.86
N LYS B 83 21.76 -7.19 -10.46
CA LYS B 83 22.61 -6.30 -9.69
C LYS B 83 21.78 -5.30 -8.91
N ASP B 84 20.68 -4.82 -9.51
CA ASP B 84 19.83 -3.82 -8.88
C ASP B 84 19.06 -4.35 -7.68
N PHE B 85 18.93 -5.67 -7.55
CA PHE B 85 18.13 -6.24 -6.47
C PHE B 85 18.62 -5.77 -5.11
N GLN B 86 19.94 -5.75 -4.92
CA GLN B 86 20.51 -5.54 -3.60
C GLN B 86 20.19 -4.16 -3.06
N LYS B 87 20.34 -3.13 -3.89
CA LYS B 87 20.02 -1.77 -3.47
C LYS B 87 18.55 -1.65 -3.06
N ARG B 88 17.66 -2.21 -3.89
CA ARG B 88 16.23 -2.07 -3.63
C ARG B 88 15.81 -2.86 -2.41
N TYR B 89 16.51 -3.95 -2.09
CA TYR B 89 16.26 -4.67 -0.85
C TYR B 89 16.75 -3.87 0.35
N GLU B 90 17.95 -3.30 0.25
CA GLU B 90 18.46 -2.54 1.37
C GLU B 90 17.63 -1.29 1.61
N GLU B 91 17.07 -0.71 0.54
CA GLU B 91 16.20 0.45 0.68
C GLU B 91 15.00 0.16 1.58
N VAL B 92 14.46 -1.07 1.52
CA VAL B 92 13.30 -1.45 2.34
C VAL B 92 13.70 -2.24 3.58
N HIS B 93 14.98 -2.53 3.78
CA HIS B 93 15.37 -3.32 4.94
C HIS B 93 14.87 -2.76 6.27
N PRO B 94 14.97 -1.45 6.57
CA PRO B 94 14.46 -1.00 7.86
C PRO B 94 12.97 -1.26 8.02
N TYR B 95 12.21 -1.19 6.92
CA TYR B 95 10.80 -1.52 7.00
C TYR B 95 10.61 -3.00 7.37
N LEU B 96 11.32 -3.89 6.67
CA LEU B 96 11.20 -5.32 6.94
C LEU B 96 11.59 -5.65 8.37
N MET B 97 12.43 -4.84 9.01
CA MET B 97 12.87 -5.13 10.37
C MET B 97 11.71 -5.02 11.36
N LYS B 98 10.80 -4.07 11.15
CA LYS B 98 9.64 -3.97 12.01
C LYS B 98 8.43 -4.76 11.51
N GLU B 99 8.56 -5.47 10.38
CA GLU B 99 7.45 -6.23 9.79
C GLU B 99 7.98 -7.62 9.43
N LYS B 100 8.03 -8.51 10.43
CA LYS B 100 8.66 -9.81 10.24
C LYS B 100 7.93 -10.65 9.20
N VAL B 101 6.59 -10.59 9.18
CA VAL B 101 5.84 -11.31 8.15
C VAL B 101 6.26 -10.85 6.76
N GLU B 102 6.44 -9.54 6.56
CA GLU B 102 6.84 -9.03 5.25
C GLU B 102 8.24 -9.50 4.89
N GLN B 103 9.10 -9.68 5.89
CA GLN B 103 10.42 -10.24 5.65
C GLN B 103 10.31 -11.64 5.05
N VAL B 104 9.43 -12.49 5.61
CA VAL B 104 9.19 -13.82 5.04
C VAL B 104 8.74 -13.70 3.58
N ILE B 105 7.76 -12.83 3.33
CA ILE B 105 7.20 -12.75 1.98
C ILE B 105 8.22 -12.18 1.00
N MET B 106 9.05 -11.23 1.46
CA MET B 106 10.11 -10.69 0.60
C MET B 106 11.08 -11.79 0.17
N GLU B 107 11.40 -12.73 1.06
CA GLU B 107 12.31 -13.82 0.68
C GLU B 107 11.72 -14.65 -0.46
N GLU B 108 10.43 -14.94 -0.44
CA GLU B 108 9.85 -15.73 -1.52
C GLU B 108 9.74 -14.92 -2.80
N ALA B 109 9.44 -13.62 -2.70
CA ALA B 109 9.46 -12.76 -3.87
C ALA B 109 10.85 -12.67 -4.48
N TRP B 110 11.88 -12.55 -3.63
CA TRP B 110 13.25 -12.52 -4.14
C TRP B 110 13.54 -13.74 -5.02
N SER B 111 13.21 -14.94 -4.54
CA SER B 111 13.47 -16.14 -5.34
C SER B 111 12.67 -16.13 -6.65
N LEU B 112 11.38 -15.76 -6.59
CA LEU B 112 10.58 -15.69 -7.81
C LEU B 112 11.14 -14.65 -8.76
N ALA B 113 11.56 -13.50 -8.25
CA ALA B 113 12.03 -12.42 -9.11
C ALA B 113 13.38 -12.74 -9.73
N ALA B 114 14.28 -13.37 -8.96
CA ALA B 114 15.61 -13.67 -9.48
C ALA B 114 15.53 -14.56 -10.72
N HIS B 115 14.62 -15.52 -10.70
CA HIS B 115 14.47 -16.46 -11.80
C HIS B 115 13.89 -15.83 -13.07
N ILE B 116 13.64 -14.51 -13.11
CA ILE B 116 13.06 -13.91 -14.30
C ILE B 116 13.83 -12.64 -14.70
N VAL B 117 14.93 -12.35 -14.02
CA VAL B 117 15.74 -11.18 -14.32
C VAL B 117 17.16 -11.65 -14.63
N GLN B 118 17.95 -10.74 -15.22
CA GLN B 118 19.38 -10.88 -15.52
C GLN B 118 20.10 -12.00 -14.77
#